data_3RFY
#
_entry.id   3RFY
#
_cell.length_a   57.690
_cell.length_b   96.720
_cell.length_c   166.820
_cell.angle_alpha   90.00
_cell.angle_beta   90.00
_cell.angle_gamma   90.00
#
_symmetry.space_group_name_H-M   'C 2 2 21'
#
loop_
_entity.id
_entity.type
_entity.pdbx_description
1 polymer 'Peptidyl-prolyl cis-trans isomerase CYP38, chloroplastic'
2 water water
#
_entity_poly.entity_id   1
_entity_poly.type   'polypeptide(L)'
_entity_poly.pdbx_seq_one_letter_code
;GSPGISGGGGGILLVANPVIPDVSVLISGPPIKDPEALLRYALPIDNKAIREVQKPLEDITDSLKIAGVKALDSVERNVR
QASRTLQQGKSIIVAGFAESKKDHGNEMIEKLEAGMQDMLKIVEDRKRDAVAPKQKEILKYVGGIEEDMVDGFPYEVPEE
YRNMPLLKGRASVDMKVKIKDNPNIEDCVFRIVLDGYNAPVTAGNFVDLVERHFYDGMEIQRSDGFVVQTGDPEGPAEGF
IDPSTEKTRTVPLEIMVTGEKTPFYGSTLEELGLYKAQVVIPFNAFGTMAMAREEFENDSGSSQVFWLLKESELTPSNSN
ILDGRYAVFGYVTDNEDFLADLKVGDVIESIQVVSGLENLANPSYKIAG
;
_entity_poly.pdbx_strand_id   A
#
# COMPACT_ATOMS: atom_id res chain seq x y z
N GLY A 10 -12.66 -2.59 -0.81
CA GLY A 10 -11.31 -2.77 -0.19
C GLY A 10 -10.45 -1.53 -0.20
N GLY A 11 -9.15 -1.76 -0.22
CA GLY A 11 -8.18 -0.68 -0.21
C GLY A 11 -8.20 0.24 -1.41
N ILE A 12 -7.54 1.38 -1.28
CA ILE A 12 -7.51 2.35 -2.36
C ILE A 12 -6.11 2.94 -2.66
N LEU A 13 -5.82 3.03 -3.97
CA LEU A 13 -4.52 3.39 -4.56
C LEU A 13 -4.20 4.52 -5.56
N LEU A 14 -2.99 5.09 -5.47
CA LEU A 14 -2.54 6.07 -6.45
C LEU A 14 -1.25 5.50 -7.07
N VAL A 15 -1.27 5.35 -8.39
CA VAL A 15 -0.15 4.76 -9.09
C VAL A 15 0.36 5.66 -10.25
N ALA A 16 1.65 5.57 -10.56
CA ALA A 16 2.23 6.36 -11.63
C ALA A 16 3.44 5.67 -12.25
N ASN A 17 3.83 6.13 -13.43
CA ASN A 17 4.92 5.60 -14.21
C ASN A 17 5.86 6.77 -14.44
N PRO A 18 7.06 6.73 -13.86
CA PRO A 18 7.79 7.95 -14.23
C PRO A 18 8.19 7.98 -15.72
N VAL A 19 8.78 9.10 -16.15
CA VAL A 19 9.12 9.36 -17.56
C VAL A 19 7.74 9.49 -18.28
N ILE A 20 6.69 8.90 -17.72
CA ILE A 20 5.34 9.05 -18.29
C ILE A 20 4.29 9.77 -17.39
N PRO A 21 4.75 10.68 -16.49
CA PRO A 21 4.21 11.59 -15.46
C PRO A 21 3.08 12.54 -15.83
N ASP A 22 2.38 13.01 -14.81
CA ASP A 22 1.28 13.92 -14.96
C ASP A 22 0.00 13.12 -15.12
N VAL A 23 0.09 11.83 -15.41
CA VAL A 23 -1.14 11.07 -15.47
C VAL A 23 -0.94 10.10 -14.34
N SER A 24 -1.69 10.26 -13.27
CA SER A 24 -1.55 9.36 -12.15
C SER A 24 -2.92 8.67 -11.99
N VAL A 25 -2.83 7.38 -11.72
CA VAL A 25 -3.98 6.48 -11.63
C VAL A 25 -4.45 6.10 -10.24
N LEU A 26 -5.76 6.24 -10.03
CA LEU A 26 -6.42 5.89 -8.77
C LEU A 26 -7.00 4.49 -8.96
N ILE A 27 -6.48 3.52 -8.24
CA ILE A 27 -6.96 2.14 -8.34
C ILE A 27 -7.55 1.77 -6.99
N SER A 28 -8.78 1.26 -6.98
CA SER A 28 -9.42 0.89 -5.73
C SER A 28 -10.32 -0.34 -5.93
N GLY A 29 -10.45 -1.14 -4.87
CA GLY A 29 -11.30 -2.28 -4.94
C GLY A 29 -10.82 -3.40 -4.06
N PRO A 30 -11.62 -4.47 -3.98
CA PRO A 30 -11.40 -5.69 -3.19
C PRO A 30 -9.95 -6.21 -3.13
N PRO A 31 -9.24 -6.22 -4.27
CA PRO A 31 -7.85 -6.72 -4.25
C PRO A 31 -6.83 -5.79 -3.58
N ILE A 32 -7.21 -4.54 -3.38
CA ILE A 32 -6.31 -3.56 -2.75
C ILE A 32 -6.27 -3.70 -1.23
N LYS A 33 -5.08 -4.01 -0.72
CA LYS A 33 -4.81 -4.18 0.71
C LYS A 33 -5.11 -2.92 1.55
N ASP A 34 -5.30 -3.12 2.85
CA ASP A 34 -5.57 -2.03 3.80
C ASP A 34 -4.51 -0.94 3.72
N PRO A 35 -4.94 0.29 3.41
CA PRO A 35 -4.06 1.46 3.29
C PRO A 35 -3.10 1.62 4.46
N GLU A 36 -3.63 1.73 5.68
CA GLU A 36 -2.78 1.91 6.86
C GLU A 36 -1.70 0.82 7.01
N ALA A 37 -2.03 -0.45 6.76
CA ALA A 37 -1.08 -1.55 6.89
C ALA A 37 0.02 -1.37 5.87
N LEU A 38 -0.36 -0.97 4.65
CA LEU A 38 0.58 -0.75 3.54
C LEU A 38 1.61 0.30 3.85
N LEU A 39 1.15 1.39 4.44
CA LEU A 39 2.05 2.48 4.80
C LEU A 39 3.01 2.03 5.89
N ARG A 40 2.48 1.28 6.83
CA ARG A 40 3.28 0.79 7.93
C ARG A 40 4.42 -0.06 7.44
N TYR A 41 4.14 -0.95 6.47
CA TYR A 41 5.18 -1.81 5.97
C TYR A 41 6.12 -1.05 5.05
N ALA A 42 5.71 0.12 4.57
CA ALA A 42 6.53 0.93 3.68
C ALA A 42 7.48 1.87 4.42
N LEU A 43 7.31 1.97 5.73
CA LEU A 43 8.19 2.79 6.55
C LEU A 43 9.60 2.19 6.45
N PRO A 44 10.65 3.03 6.28
CA PRO A 44 12.07 2.66 6.15
C PRO A 44 12.78 2.45 7.50
N ILE A 45 12.23 1.54 8.27
CA ILE A 45 12.66 1.17 9.62
C ILE A 45 13.32 -0.23 9.59
N ASP A 46 14.35 -0.49 10.41
CA ASP A 46 14.91 -1.85 10.46
C ASP A 46 14.84 -2.28 11.91
N ASN A 47 13.68 -2.80 12.30
CA ASN A 47 13.48 -3.24 13.66
C ASN A 47 12.53 -4.42 13.66
N LYS A 48 13.10 -5.62 13.70
CA LYS A 48 12.32 -6.84 13.73
C LYS A 48 11.39 -6.96 14.94
N ALA A 49 11.82 -6.45 16.08
CA ALA A 49 11.02 -6.52 17.28
C ALA A 49 9.63 -5.91 17.12
N ILE A 50 9.53 -4.72 16.52
CA ILE A 50 8.23 -4.08 16.36
C ILE A 50 7.42 -4.69 15.23
N ARG A 51 8.09 -5.29 14.25
CA ARG A 51 7.37 -5.93 13.16
C ARG A 51 6.70 -7.19 13.73
N GLU A 52 7.34 -7.79 14.73
CA GLU A 52 6.82 -9.00 15.34
C GLU A 52 5.57 -8.75 16.18
N VAL A 53 5.48 -7.54 16.73
CA VAL A 53 4.31 -7.12 17.51
C VAL A 53 3.24 -6.76 16.48
N GLN A 54 3.67 -6.16 15.37
CA GLN A 54 2.78 -5.74 14.30
C GLN A 54 2.09 -6.87 13.54
N LYS A 55 2.85 -7.91 13.19
CA LYS A 55 2.31 -9.07 12.45
C LYS A 55 1.07 -9.60 13.16
N PRO A 56 1.20 -10.08 14.41
CA PRO A 56 -0.15 -10.47 14.84
C PRO A 56 -0.87 -9.10 14.92
N LEU A 57 -1.87 -8.92 15.76
CA LEU A 57 -2.58 -7.64 15.78
C LEU A 57 -3.22 -7.53 14.37
N GLU A 58 -2.45 -7.69 13.29
CA GLU A 58 -3.02 -7.64 11.95
C GLU A 58 -3.71 -8.92 11.57
N ASP A 59 -3.15 -10.06 11.98
CA ASP A 59 -3.75 -11.35 11.64
C ASP A 59 -5.07 -11.43 12.37
N ILE A 60 -5.33 -10.49 13.26
CA ILE A 60 -6.58 -10.52 13.99
C ILE A 60 -7.71 -10.48 12.98
N THR A 61 -7.52 -9.77 11.87
CA THR A 61 -8.62 -9.71 10.91
C THR A 61 -8.91 -11.09 10.34
N ASP A 62 -7.91 -11.96 10.21
CA ASP A 62 -8.14 -13.32 9.71
C ASP A 62 -8.96 -14.08 10.74
N SER A 63 -8.65 -13.83 12.01
CA SER A 63 -9.33 -14.49 13.12
C SER A 63 -10.82 -14.20 13.09
N LEU A 64 -11.20 -13.06 12.54
CA LEU A 64 -12.61 -12.70 12.48
C LEU A 64 -13.30 -13.37 11.29
N LYS A 65 -12.53 -14.08 10.46
CA LYS A 65 -13.09 -14.79 9.30
C LYS A 65 -13.55 -16.15 9.79
N ILE A 66 -13.46 -16.35 11.10
CA ILE A 66 -13.88 -17.60 11.68
C ILE A 66 -15.25 -17.43 12.29
N ALA A 67 -16.09 -18.42 12.03
CA ALA A 67 -17.46 -18.46 12.50
C ALA A 67 -17.56 -18.92 13.94
N GLY A 68 -18.28 -18.15 14.75
CA GLY A 68 -18.46 -18.53 16.14
C GLY A 68 -17.37 -18.21 17.14
N VAL A 69 -17.74 -18.33 18.42
CA VAL A 69 -16.87 -18.08 19.56
C VAL A 69 -15.40 -18.47 19.35
N LYS A 70 -15.14 -19.32 18.36
CA LYS A 70 -13.80 -19.80 18.04
C LYS A 70 -12.90 -18.69 17.45
N ALA A 71 -13.52 -17.65 16.88
CA ALA A 71 -12.75 -16.54 16.29
C ALA A 71 -12.00 -15.83 17.43
N LEU A 72 -12.67 -15.70 18.56
CA LEU A 72 -12.14 -15.06 19.76
C LEU A 72 -11.01 -15.79 20.45
N ASP A 73 -10.97 -17.11 20.32
CA ASP A 73 -9.89 -17.85 20.92
C ASP A 73 -8.79 -17.97 19.91
N SER A 74 -8.80 -17.00 19.00
CA SER A 74 -7.79 -16.87 17.97
C SER A 74 -7.28 -15.46 18.13
N VAL A 75 -8.19 -14.50 18.26
CA VAL A 75 -7.69 -13.15 18.47
C VAL A 75 -7.04 -13.06 19.86
N GLU A 76 -7.54 -13.81 20.85
CA GLU A 76 -6.94 -13.80 22.20
C GLU A 76 -5.51 -14.27 22.09
N ARG A 77 -5.30 -15.19 21.16
CA ARG A 77 -4.02 -15.83 20.84
C ARG A 77 -3.07 -14.83 20.19
N ASN A 78 -3.61 -14.05 19.26
CA ASN A 78 -2.81 -13.06 18.57
C ASN A 78 -2.44 -11.94 19.53
N VAL A 79 -3.38 -11.53 20.38
CA VAL A 79 -3.11 -10.47 21.35
C VAL A 79 -2.05 -10.82 22.40
N ARG A 80 -2.14 -12.02 22.97
CA ARG A 80 -1.17 -12.44 23.97
C ARG A 80 0.21 -12.56 23.33
N GLN A 81 0.20 -12.83 22.03
CA GLN A 81 1.38 -12.96 21.21
C GLN A 81 2.07 -11.61 21.07
N ALA A 82 1.31 -10.67 20.54
CA ALA A 82 1.78 -9.32 20.36
C ALA A 82 2.23 -8.74 21.70
N SER A 83 1.40 -8.91 22.73
CA SER A 83 1.68 -8.39 24.05
C SER A 83 3.00 -8.88 24.62
N ARG A 84 3.23 -10.18 24.48
CA ARG A 84 4.43 -10.83 24.95
C ARG A 84 5.68 -10.29 24.27
N THR A 85 5.65 -10.32 22.95
CA THR A 85 6.75 -9.87 22.14
C THR A 85 7.05 -8.40 22.47
N LEU A 86 6.03 -7.68 22.93
CA LEU A 86 6.20 -6.28 23.26
C LEU A 86 7.17 -6.24 24.42
N GLN A 87 6.86 -6.91 25.53
CA GLN A 87 7.74 -6.91 26.70
C GLN A 87 9.06 -7.34 26.10
N GLN A 88 9.74 -6.30 25.63
CA GLN A 88 10.96 -6.45 24.88
C GLN A 88 11.01 -5.00 24.36
N GLY A 89 10.43 -4.10 25.15
CA GLY A 89 10.42 -2.71 24.76
C GLY A 89 11.77 -2.01 24.82
N LYS A 90 12.85 -2.76 25.04
CA LYS A 90 14.14 -2.13 25.09
C LYS A 90 14.77 -2.05 23.72
N SER A 91 14.40 -2.96 22.81
CA SER A 91 14.95 -2.90 21.47
C SER A 91 14.05 -1.99 20.62
N ILE A 92 12.80 -1.87 21.05
CA ILE A 92 11.84 -1.00 20.39
C ILE A 92 12.22 0.40 20.86
N ILE A 93 12.26 0.60 22.18
CA ILE A 93 12.61 1.89 22.76
C ILE A 93 14.04 2.27 22.47
N VAL A 94 15.04 1.64 23.09
CA VAL A 94 16.41 2.06 22.76
C VAL A 94 16.75 1.82 21.31
N ALA A 95 17.34 0.68 20.99
CA ALA A 95 17.67 0.38 19.58
C ALA A 95 17.16 1.44 18.59
N GLY A 96 15.87 1.48 18.30
CA GLY A 96 15.39 2.43 17.32
C GLY A 96 14.56 3.72 17.45
N PHE A 97 14.04 4.12 18.61
CA PHE A 97 13.19 5.33 18.72
C PHE A 97 13.51 6.77 18.26
N ALA A 98 14.77 7.13 18.09
CA ALA A 98 15.05 8.44 17.56
C ALA A 98 14.79 9.77 18.26
N GLU A 99 15.80 10.63 18.10
CA GLU A 99 15.86 12.02 18.55
C GLU A 99 14.74 12.59 19.40
N SER A 100 13.95 13.40 18.70
CA SER A 100 12.84 14.17 19.22
C SER A 100 11.50 13.46 19.29
N LYS A 101 11.48 12.16 19.03
CA LYS A 101 10.21 11.45 19.11
C LYS A 101 10.15 10.36 20.19
N LYS A 102 11.28 10.16 20.88
CA LYS A 102 11.40 9.18 21.96
C LYS A 102 10.39 9.44 23.08
N ASP A 103 9.78 10.61 23.12
CA ASP A 103 8.83 10.89 24.16
C ASP A 103 7.45 10.49 23.71
N HIS A 104 7.08 10.85 22.49
CA HIS A 104 5.77 10.53 21.97
C HIS A 104 5.72 9.02 21.66
N GLY A 105 6.91 8.46 21.45
CA GLY A 105 7.00 7.04 21.16
C GLY A 105 6.55 6.24 22.35
N ASN A 106 6.89 6.71 23.55
CA ASN A 106 6.53 6.05 24.79
C ASN A 106 5.09 6.34 25.09
N GLU A 107 4.58 7.44 24.53
CA GLU A 107 3.21 7.81 24.73
C GLU A 107 2.44 6.77 23.93
N MET A 108 3.06 6.33 22.83
CA MET A 108 2.41 5.34 21.99
C MET A 108 2.48 3.90 22.53
N ILE A 109 3.62 3.53 23.10
CA ILE A 109 3.83 2.19 23.68
C ILE A 109 2.83 1.95 24.82
N GLU A 110 2.60 3.01 25.58
CA GLU A 110 1.72 3.02 26.73
C GLU A 110 0.28 2.75 26.35
N LYS A 111 -0.18 3.48 25.34
CA LYS A 111 -1.55 3.34 24.85
C LYS A 111 -1.80 1.98 24.17
N LEU A 112 -0.72 1.42 23.63
CA LEU A 112 -0.78 0.13 22.96
C LEU A 112 -1.04 -0.94 24.01
N GLU A 113 -0.35 -0.83 25.14
CA GLU A 113 -0.48 -1.79 26.22
C GLU A 113 -1.88 -1.76 26.81
N ALA A 114 -2.44 -0.56 27.00
CA ALA A 114 -3.78 -0.44 27.56
C ALA A 114 -4.80 -0.94 26.57
N GLY A 115 -4.52 -0.74 25.29
CA GLY A 115 -5.44 -1.18 24.26
C GLY A 115 -5.39 -2.70 24.17
N MET A 116 -4.21 -3.26 24.41
CA MET A 116 -4.11 -4.69 24.33
C MET A 116 -4.90 -5.29 25.48
N GLN A 117 -4.90 -4.61 26.63
CA GLN A 117 -5.64 -5.09 27.80
C GLN A 117 -7.13 -4.94 27.51
N ASP A 118 -7.53 -3.88 26.80
CA ASP A 118 -8.95 -3.69 26.49
C ASP A 118 -9.46 -4.79 25.54
N MET A 119 -8.61 -5.19 24.60
CA MET A 119 -8.93 -6.22 23.63
C MET A 119 -9.18 -7.55 24.36
N LEU A 120 -8.45 -7.71 25.46
CA LEU A 120 -8.48 -8.91 26.29
C LEU A 120 -9.81 -8.95 26.99
N LYS A 121 -10.17 -7.80 27.54
CA LYS A 121 -11.41 -7.58 28.19
C LYS A 121 -12.37 -7.79 27.04
N ILE A 122 -12.82 -9.02 26.91
CA ILE A 122 -13.73 -9.54 25.90
C ILE A 122 -13.56 -10.99 26.25
N VAL A 123 -13.37 -11.15 27.57
CA VAL A 123 -13.32 -12.48 28.14
C VAL A 123 -14.86 -12.63 28.16
N GLU A 124 -15.49 -11.55 27.71
CA GLU A 124 -16.92 -11.45 27.60
C GLU A 124 -17.31 -12.05 26.27
N ASP A 125 -16.84 -13.28 26.03
CA ASP A 125 -17.14 -14.00 24.81
C ASP A 125 -18.43 -13.48 24.16
N ARG A 126 -18.23 -13.10 22.90
CA ARG A 126 -19.22 -12.45 22.02
C ARG A 126 -18.64 -11.05 22.39
N LYS A 127 -19.20 -9.97 21.85
CA LYS A 127 -18.67 -8.59 22.05
C LYS A 127 -17.55 -8.66 21.05
N ARG A 128 -17.86 -9.51 20.06
CA ARG A 128 -17.04 -9.83 18.92
C ARG A 128 -17.13 -8.73 17.86
N ASP A 129 -17.95 -7.72 18.13
CA ASP A 129 -18.16 -6.60 17.20
C ASP A 129 -17.68 -5.29 17.76
N ALA A 130 -18.43 -4.89 18.79
CA ALA A 130 -18.29 -3.67 19.50
C ALA A 130 -17.08 -3.48 20.38
N VAL A 131 -16.01 -4.18 20.03
CA VAL A 131 -14.73 -4.04 20.66
C VAL A 131 -13.64 -4.64 19.70
N ALA A 132 -13.91 -5.69 18.91
CA ALA A 132 -12.85 -6.20 18.01
C ALA A 132 -12.14 -5.13 17.13
N PRO A 133 -12.83 -4.55 16.10
CA PRO A 133 -11.83 -3.61 15.55
C PRO A 133 -11.40 -2.45 16.45
N LYS A 134 -10.91 -2.84 17.63
CA LYS A 134 -10.34 -1.91 18.60
C LYS A 134 -8.92 -2.16 18.10
N GLN A 135 -8.86 -3.08 17.13
CA GLN A 135 -7.68 -3.55 16.44
C GLN A 135 -7.16 -2.39 15.62
N LYS A 136 -8.06 -1.55 15.08
CA LYS A 136 -7.70 -0.38 14.28
C LYS A 136 -6.96 0.61 15.18
N GLU A 137 -7.63 0.91 16.29
CA GLU A 137 -7.12 1.86 17.27
C GLU A 137 -5.70 1.47 17.62
N ILE A 138 -5.54 0.27 18.16
CA ILE A 138 -4.21 -0.16 18.58
C ILE A 138 -3.14 -0.30 17.50
N LEU A 139 -3.52 -0.49 16.23
CA LEU A 139 -2.47 -0.57 15.20
C LEU A 139 -1.99 0.81 14.80
N LYS A 140 -2.78 1.83 15.11
CA LYS A 140 -2.39 3.20 14.82
C LYS A 140 -1.27 3.46 15.80
N TYR A 141 -1.47 3.01 17.03
CA TYR A 141 -0.44 3.21 18.05
C TYR A 141 0.81 2.48 17.56
N VAL A 142 0.66 1.33 16.89
CA VAL A 142 1.83 0.60 16.40
C VAL A 142 2.44 1.43 15.27
N GLY A 143 1.59 1.96 14.40
CA GLY A 143 2.08 2.78 13.30
C GLY A 143 2.89 3.90 13.94
N GLY A 144 2.30 4.53 14.95
CA GLY A 144 2.96 5.62 15.65
C GLY A 144 4.29 5.22 16.26
N ILE A 145 4.38 4.00 16.82
CA ILE A 145 5.64 3.54 17.40
C ILE A 145 6.67 3.60 16.31
N GLU A 146 6.31 2.99 15.18
CA GLU A 146 7.20 2.87 14.05
C GLU A 146 7.53 4.18 13.37
N GLU A 147 6.57 5.08 13.25
CA GLU A 147 6.91 6.32 12.59
C GLU A 147 7.88 7.06 13.51
N ASP A 148 7.67 6.92 14.82
CA ASP A 148 8.55 7.59 15.78
C ASP A 148 9.90 6.94 15.77
N MET A 149 9.98 5.73 15.23
CA MET A 149 11.26 5.13 15.22
C MET A 149 12.15 5.83 14.26
N VAL A 150 12.61 5.06 13.30
CA VAL A 150 13.52 5.61 12.36
C VAL A 150 12.81 6.74 11.65
N ASP A 151 13.35 7.89 11.99
CA ASP A 151 12.98 9.18 11.52
C ASP A 151 14.29 9.47 10.84
N GLY A 152 14.61 10.76 10.70
CA GLY A 152 15.86 11.16 10.08
C GLY A 152 15.65 11.37 8.59
N PHE A 153 14.40 11.10 8.16
CA PHE A 153 13.88 11.23 6.78
C PHE A 153 14.85 10.46 5.84
N PRO A 154 14.51 10.29 4.56
CA PRO A 154 15.31 9.54 3.56
C PRO A 154 16.44 8.56 3.93
N TYR A 155 16.12 7.27 3.79
CA TYR A 155 16.98 6.11 4.06
C TYR A 155 18.09 6.23 2.98
N GLU A 156 17.75 6.39 1.69
CA GLU A 156 18.76 6.54 0.63
C GLU A 156 18.63 7.80 -0.28
N VAL A 157 18.89 7.68 -1.59
CA VAL A 157 18.78 8.83 -2.54
C VAL A 157 18.63 8.49 -4.03
N PRO A 158 18.23 9.49 -4.84
CA PRO A 158 18.02 9.39 -6.29
C PRO A 158 19.22 9.25 -7.28
N GLU A 159 18.89 8.91 -8.55
CA GLU A 159 19.83 8.67 -9.67
C GLU A 159 20.25 9.68 -10.72
N GLU A 160 19.26 10.18 -11.45
CA GLU A 160 19.46 11.07 -12.56
C GLU A 160 18.44 12.20 -12.47
N TYR A 161 17.34 11.91 -11.77
CA TYR A 161 16.26 12.90 -11.56
C TYR A 161 16.54 13.74 -10.30
N ARG A 162 17.80 13.91 -9.93
CA ARG A 162 18.11 14.66 -8.72
C ARG A 162 17.72 16.14 -8.81
N ASN A 163 16.90 16.51 -9.79
CA ASN A 163 16.50 17.91 -9.92
C ASN A 163 15.05 18.14 -10.27
N MET A 164 14.28 17.07 -10.21
CA MET A 164 12.86 17.13 -10.46
C MET A 164 12.28 17.25 -9.04
N PRO A 165 11.00 17.59 -8.91
CA PRO A 165 10.48 17.67 -7.55
C PRO A 165 10.70 16.32 -6.85
N LEU A 166 10.92 16.36 -5.54
CA LEU A 166 11.11 15.13 -4.78
C LEU A 166 10.35 15.26 -3.43
N LEU A 167 9.62 14.23 -3.03
CA LEU A 167 8.92 14.26 -1.76
C LEU A 167 9.84 13.47 -0.82
N LYS A 168 10.68 14.19 -0.09
CA LYS A 168 11.61 13.57 0.83
C LYS A 168 10.93 13.30 2.15
N GLY A 169 9.76 12.66 2.05
CA GLY A 169 9.01 12.29 3.23
C GLY A 169 7.63 11.82 2.83
N ARG A 170 6.65 12.09 3.70
CA ARG A 170 5.25 11.72 3.56
C ARG A 170 4.51 13.06 3.48
N ALA A 171 3.31 13.09 2.92
CA ALA A 171 2.49 14.32 2.87
C ALA A 171 1.06 13.88 2.72
N SER A 172 0.11 14.70 3.17
CA SER A 172 -1.31 14.36 3.03
C SER A 172 -2.01 15.37 2.14
N VAL A 173 -3.07 14.91 1.49
CA VAL A 173 -3.83 15.70 0.57
C VAL A 173 -5.33 15.39 0.72
N ASP A 174 -6.21 16.39 0.62
CA ASP A 174 -7.64 16.16 0.70
C ASP A 174 -8.14 16.34 -0.74
N MET A 175 -8.91 15.37 -1.23
CA MET A 175 -9.44 15.43 -2.58
C MET A 175 -10.98 15.53 -2.49
N LYS A 176 -11.54 16.70 -2.83
CA LYS A 176 -12.98 16.92 -2.79
C LYS A 176 -13.56 16.68 -4.18
N VAL A 177 -14.43 15.69 -4.28
CA VAL A 177 -15.07 15.31 -5.54
C VAL A 177 -16.56 15.65 -5.58
N LYS A 178 -17.06 16.08 -6.74
CA LYS A 178 -18.47 16.43 -6.91
C LYS A 178 -19.06 15.22 -7.64
N ILE A 179 -19.97 14.53 -6.96
CA ILE A 179 -20.62 13.34 -7.51
C ILE A 179 -22.02 13.69 -7.97
N LYS A 180 -22.23 13.57 -9.28
CA LYS A 180 -23.50 13.90 -9.94
C LYS A 180 -24.59 12.84 -9.98
N ASP A 181 -25.80 13.27 -10.27
CA ASP A 181 -26.94 12.38 -10.43
C ASP A 181 -27.08 11.28 -9.39
N ASN A 182 -27.01 11.63 -8.11
CA ASN A 182 -27.09 10.62 -7.08
C ASN A 182 -27.87 11.07 -5.87
N PRO A 183 -28.91 10.29 -5.48
CA PRO A 183 -29.66 10.70 -4.29
C PRO A 183 -28.81 9.94 -3.27
N ASN A 184 -28.54 10.56 -2.14
CA ASN A 184 -27.66 9.94 -1.17
C ASN A 184 -26.25 10.27 -1.69
N ILE A 185 -25.73 11.44 -1.31
CA ILE A 185 -24.39 11.97 -1.66
C ILE A 185 -24.26 12.89 -2.90
N GLU A 186 -23.96 14.18 -2.68
CA GLU A 186 -23.75 15.16 -3.76
C GLU A 186 -22.25 15.37 -3.97
N ASP A 187 -21.47 15.04 -2.93
CA ASP A 187 -20.01 15.15 -2.98
C ASP A 187 -19.26 14.61 -1.76
N CYS A 188 -18.01 14.19 -1.99
CA CYS A 188 -17.17 13.55 -0.99
C CYS A 188 -15.72 14.07 -0.93
N VAL A 189 -15.10 13.98 0.24
CA VAL A 189 -13.70 14.38 0.41
C VAL A 189 -12.94 13.09 0.78
N PHE A 190 -11.86 12.83 0.04
CA PHE A 190 -11.01 11.66 0.28
C PHE A 190 -9.63 12.13 0.74
N ARG A 191 -9.05 11.41 1.71
CA ARG A 191 -7.74 11.73 2.27
C ARG A 191 -6.77 10.70 1.68
N ILE A 192 -5.64 11.19 1.15
CA ILE A 192 -4.62 10.33 0.54
C ILE A 192 -3.27 10.73 1.14
N VAL A 193 -2.50 9.73 1.58
CA VAL A 193 -1.16 9.98 2.14
C VAL A 193 -0.20 9.61 1.02
N LEU A 194 0.84 10.41 0.79
CA LEU A 194 1.76 10.06 -0.30
C LEU A 194 3.09 9.61 0.32
N ASP A 195 3.64 8.51 -0.19
CA ASP A 195 4.88 7.95 0.34
C ASP A 195 6.18 8.24 -0.37
N GLY A 196 6.80 9.36 -0.01
CA GLY A 196 8.06 9.73 -0.62
C GLY A 196 9.27 8.91 -0.19
N TYR A 197 9.18 8.11 0.88
CA TYR A 197 10.35 7.33 1.26
C TYR A 197 10.61 6.30 0.17
N ASN A 198 9.55 5.78 -0.46
CA ASN A 198 9.68 4.77 -1.50
C ASN A 198 9.34 5.27 -2.88
N ALA A 199 8.61 6.38 -2.97
CA ALA A 199 8.23 6.90 -4.27
C ALA A 199 8.48 8.41 -4.32
N PRO A 200 9.75 8.80 -4.10
CA PRO A 200 10.25 10.18 -4.10
C PRO A 200 9.90 10.95 -5.36
N VAL A 201 10.16 10.35 -6.51
CA VAL A 201 9.91 11.02 -7.78
C VAL A 201 8.45 11.12 -8.16
N THR A 202 7.75 10.00 -8.06
CA THR A 202 6.35 9.99 -8.42
C THR A 202 5.50 10.75 -7.42
N ALA A 203 5.84 10.67 -6.13
CA ALA A 203 5.09 11.39 -5.11
C ALA A 203 5.45 12.86 -5.23
N GLY A 204 6.72 13.13 -5.54
CA GLY A 204 7.15 14.51 -5.68
C GLY A 204 6.33 15.22 -6.75
N ASN A 205 6.19 14.58 -7.90
CA ASN A 205 5.48 15.15 -9.03
C ASN A 205 4.02 15.43 -8.69
N PHE A 206 3.34 14.46 -8.09
CA PHE A 206 1.93 14.64 -7.74
C PHE A 206 1.69 15.86 -6.82
N VAL A 207 2.47 15.99 -5.75
CA VAL A 207 2.29 17.13 -4.84
C VAL A 207 2.65 18.44 -5.53
N ASP A 208 3.64 18.38 -6.41
CA ASP A 208 4.08 19.55 -7.16
C ASP A 208 2.86 20.00 -7.99
N LEU A 209 2.21 19.08 -8.68
CA LEU A 209 1.04 19.42 -9.48
C LEU A 209 -0.16 19.85 -8.63
N VAL A 210 -0.27 19.34 -7.40
CA VAL A 210 -1.37 19.71 -6.51
C VAL A 210 -1.13 21.20 -6.21
N GLU A 211 0.12 21.55 -5.95
CA GLU A 211 0.43 22.90 -5.66
C GLU A 211 -0.01 23.84 -6.81
N ARG A 212 0.39 23.60 -8.06
CA ARG A 212 -0.06 24.51 -9.15
C ARG A 212 -1.56 24.31 -9.48
N HIS A 213 -2.34 23.76 -8.54
CA HIS A 213 -3.77 23.54 -8.78
C HIS A 213 -4.04 22.75 -10.05
N PHE A 214 -3.10 21.92 -10.48
CA PHE A 214 -3.30 21.15 -11.71
C PHE A 214 -4.51 20.21 -11.70
N TYR A 215 -5.04 19.82 -10.54
CA TYR A 215 -6.19 18.90 -10.55
C TYR A 215 -7.58 19.51 -10.27
N ASP A 216 -7.67 20.81 -10.00
CA ASP A 216 -8.95 21.44 -9.69
C ASP A 216 -9.94 21.68 -10.85
N GLY A 217 -11.16 21.16 -10.70
CA GLY A 217 -12.18 21.32 -11.72
C GLY A 217 -12.08 20.31 -12.86
N MET A 218 -11.24 19.31 -12.66
CA MET A 218 -11.03 18.25 -13.65
C MET A 218 -12.15 17.21 -13.54
N GLU A 219 -12.52 16.60 -14.67
CA GLU A 219 -13.57 15.57 -14.67
C GLU A 219 -12.86 14.21 -14.77
N ILE A 220 -13.51 13.11 -14.40
CA ILE A 220 -12.84 11.81 -14.46
C ILE A 220 -13.50 10.80 -15.42
N GLN A 221 -12.79 9.71 -15.67
CA GLN A 221 -13.28 8.60 -16.48
C GLN A 221 -13.11 7.48 -15.48
N ARG A 222 -13.98 6.49 -15.53
CA ARG A 222 -13.90 5.39 -14.59
C ARG A 222 -14.10 4.13 -15.39
N SER A 223 -13.55 3.03 -14.91
CA SER A 223 -13.67 1.77 -15.63
C SER A 223 -12.93 0.68 -14.89
N ASP A 224 -12.96 -0.50 -15.48
CA ASP A 224 -12.30 -1.62 -14.86
C ASP A 224 -11.03 -2.04 -15.52
N GLY A 225 -10.08 -2.42 -14.66
CA GLY A 225 -8.80 -2.88 -15.11
C GLY A 225 -8.35 -4.04 -14.27
N PHE A 226 -7.12 -4.52 -14.50
CA PHE A 226 -6.62 -5.66 -13.72
C PHE A 226 -5.28 -5.37 -13.12
N VAL A 227 -5.12 -5.89 -11.93
CA VAL A 227 -3.95 -5.64 -11.15
C VAL A 227 -3.08 -6.89 -10.93
N VAL A 228 -1.89 -6.90 -11.53
CA VAL A 228 -1.02 -8.04 -11.34
C VAL A 228 -0.37 -7.78 -9.98
N GLN A 229 -1.11 -8.20 -8.96
CA GLN A 229 -0.69 -8.16 -7.61
C GLN A 229 0.15 -9.39 -7.90
N THR A 230 1.34 -9.02 -8.36
CA THR A 230 2.46 -9.81 -8.85
C THR A 230 3.15 -11.05 -8.18
N GLY A 231 3.35 -11.04 -6.87
CA GLY A 231 3.99 -12.16 -6.18
C GLY A 231 4.48 -11.53 -4.88
N ASP A 232 4.41 -12.18 -3.70
CA ASP A 232 4.82 -11.47 -2.46
C ASP A 232 5.68 -12.08 -1.32
N PRO A 233 5.10 -12.95 -0.44
CA PRO A 233 5.85 -13.56 0.68
C PRO A 233 7.17 -14.36 0.50
N GLU A 234 7.96 -14.47 1.59
CA GLU A 234 9.28 -15.16 1.62
C GLU A 234 9.47 -16.51 2.38
N GLY A 235 10.65 -16.65 3.02
CA GLY A 235 11.00 -17.87 3.73
C GLY A 235 11.50 -17.91 5.19
N PRO A 236 12.73 -17.46 5.50
CA PRO A 236 13.31 -17.45 6.85
C PRO A 236 12.47 -17.26 8.12
N ALA A 237 12.76 -18.05 9.15
CA ALA A 237 12.11 -17.99 10.47
C ALA A 237 13.25 -17.71 11.46
N GLU A 238 13.05 -16.86 12.46
CA GLU A 238 14.13 -16.48 13.40
C GLU A 238 14.51 -17.37 14.60
N GLY A 239 15.71 -17.10 15.13
CA GLY A 239 16.23 -17.84 16.28
C GLY A 239 17.24 -18.96 16.00
N PHE A 240 18.50 -18.59 15.77
CA PHE A 240 19.62 -19.51 15.45
C PHE A 240 19.87 -20.72 16.43
N ILE A 241 19.92 -21.97 15.93
CA ILE A 241 20.20 -23.16 16.79
C ILE A 241 21.43 -24.08 16.38
N ASP A 242 21.33 -24.99 15.41
CA ASP A 242 22.47 -25.89 14.97
C ASP A 242 22.62 -26.03 13.39
N PRO A 243 23.31 -27.09 12.85
CA PRO A 243 23.47 -27.20 11.37
C PRO A 243 22.64 -28.17 10.49
N SER A 244 22.02 -27.64 9.42
CA SER A 244 21.19 -28.44 8.50
C SER A 244 21.32 -28.19 6.98
N THR A 245 21.99 -27.13 6.54
CA THR A 245 22.11 -26.87 5.10
C THR A 245 23.49 -26.43 4.57
N GLU A 246 23.61 -26.40 3.23
CA GLU A 246 24.79 -26.02 2.43
C GLU A 246 24.83 -27.00 1.21
N LYS A 247 24.54 -26.47 0.00
CA LYS A 247 24.52 -27.21 -1.30
C LYS A 247 23.27 -26.82 -2.16
N THR A 248 23.42 -26.51 -3.46
CA THR A 248 22.21 -26.18 -4.27
C THR A 248 21.49 -27.46 -4.70
N ARG A 249 22.25 -28.56 -4.85
CA ARG A 249 21.70 -29.86 -5.20
C ARG A 249 21.02 -29.97 -6.56
N THR A 250 19.97 -30.80 -6.64
CA THR A 250 19.29 -30.88 -7.93
C THR A 250 18.01 -30.08 -7.87
N VAL A 251 18.00 -28.99 -8.61
CA VAL A 251 16.81 -28.18 -8.74
C VAL A 251 16.80 -28.25 -10.30
N PRO A 252 17.93 -28.72 -10.91
CA PRO A 252 17.94 -28.85 -12.38
C PRO A 252 16.94 -29.97 -12.77
N LEU A 253 17.41 -31.20 -13.02
CA LEU A 253 16.52 -32.33 -13.38
C LEU A 253 15.43 -32.61 -12.33
N GLU A 254 14.14 -32.37 -12.63
CA GLU A 254 13.11 -32.59 -11.60
C GLU A 254 11.58 -32.62 -11.90
N ILE A 255 11.00 -31.42 -11.84
CA ILE A 255 9.59 -31.02 -11.99
C ILE A 255 9.22 -30.78 -10.48
N MET A 256 10.32 -30.61 -9.72
CA MET A 256 10.47 -30.28 -8.29
C MET A 256 9.51 -30.75 -7.14
N VAL A 257 10.03 -30.73 -5.89
CA VAL A 257 9.36 -31.20 -4.63
C VAL A 257 7.85 -31.54 -4.51
N THR A 258 7.41 -31.91 -3.30
CA THR A 258 6.02 -32.35 -3.04
C THR A 258 4.85 -31.39 -3.32
N GLY A 259 4.58 -30.43 -2.44
CA GLY A 259 3.50 -29.51 -2.72
C GLY A 259 4.11 -28.18 -3.14
N GLU A 260 5.16 -28.20 -3.97
CA GLU A 260 5.84 -26.96 -4.37
C GLU A 260 6.49 -26.80 -5.80
N LYS A 261 5.67 -26.67 -6.87
CA LYS A 261 6.05 -26.44 -8.33
C LYS A 261 5.24 -27.05 -9.60
N THR A 262 5.68 -28.12 -10.29
CA THR A 262 4.96 -28.74 -11.49
C THR A 262 4.21 -27.77 -12.50
N PRO A 263 4.41 -27.92 -13.87
CA PRO A 263 3.82 -27.02 -14.90
C PRO A 263 2.54 -26.19 -14.76
N PHE A 264 2.70 -24.86 -14.88
CA PHE A 264 1.67 -23.78 -14.81
C PHE A 264 0.30 -24.31 -14.35
N TYR A 265 -0.75 -23.51 -14.41
CA TYR A 265 -2.10 -23.96 -14.00
C TYR A 265 -3.04 -22.75 -13.94
N GLY A 266 -3.97 -22.69 -14.89
CA GLY A 266 -4.93 -21.60 -14.94
C GLY A 266 -6.37 -22.10 -15.03
N SER A 267 -7.32 -21.17 -15.09
CA SER A 267 -8.77 -21.46 -15.20
C SER A 267 -9.69 -20.25 -15.06
N THR A 268 -9.24 -19.23 -14.35
CA THR A 268 -9.98 -17.97 -14.23
C THR A 268 -8.83 -16.99 -14.22
N LEU A 269 -9.10 -15.72 -14.49
CA LEU A 269 -8.02 -14.75 -14.49
C LEU A 269 -7.33 -14.68 -13.12
N GLU A 270 -8.10 -14.75 -12.05
CA GLU A 270 -7.50 -14.69 -10.70
C GLU A 270 -6.49 -15.80 -10.50
N GLU A 271 -6.76 -16.98 -11.05
CA GLU A 271 -5.83 -18.09 -10.91
C GLU A 271 -4.51 -17.81 -11.61
N LEU A 272 -4.50 -16.79 -12.47
CA LEU A 272 -3.27 -16.44 -13.17
C LEU A 272 -2.64 -15.18 -12.54
N GLY A 273 -3.16 -14.80 -11.38
CA GLY A 273 -2.66 -13.63 -10.67
C GLY A 273 -3.25 -12.32 -11.16
N LEU A 274 -4.44 -12.36 -11.77
CA LEU A 274 -5.09 -11.17 -12.31
C LEU A 274 -6.39 -10.79 -11.64
N TYR A 275 -6.33 -9.79 -10.74
CA TYR A 275 -7.49 -9.32 -9.99
C TYR A 275 -8.14 -8.05 -10.53
N LYS A 276 -9.48 -8.04 -10.56
CA LYS A 276 -10.25 -6.90 -11.06
C LYS A 276 -10.35 -5.75 -10.07
N ALA A 277 -10.14 -4.54 -10.57
CA ALA A 277 -10.18 -3.34 -9.72
C ALA A 277 -10.71 -2.12 -10.48
N GLN A 278 -11.25 -1.16 -9.73
CA GLN A 278 -11.78 0.06 -10.34
C GLN A 278 -10.56 0.92 -10.72
N VAL A 279 -10.65 1.58 -11.88
CA VAL A 279 -9.57 2.39 -12.40
C VAL A 279 -10.09 3.77 -12.79
N VAL A 280 -9.67 4.80 -12.06
CA VAL A 280 -10.09 6.18 -12.32
C VAL A 280 -8.94 7.05 -12.78
N ILE A 281 -9.14 7.73 -13.91
CA ILE A 281 -8.13 8.65 -14.44
C ILE A 281 -8.80 9.96 -14.84
N PRO A 282 -8.01 10.94 -15.31
CA PRO A 282 -8.40 12.27 -15.77
C PRO A 282 -9.49 12.48 -16.82
N PHE A 283 -9.29 11.96 -18.02
CA PHE A 283 -10.23 12.14 -19.14
C PHE A 283 -9.32 12.84 -20.17
N ASN A 284 -8.70 12.09 -21.09
CA ASN A 284 -7.73 12.69 -22.04
C ASN A 284 -7.72 12.43 -23.55
N ALA A 285 -6.63 11.80 -24.02
CA ALA A 285 -6.38 11.47 -25.43
C ALA A 285 -5.42 10.28 -25.56
N PHE A 286 -4.87 10.04 -26.75
CA PHE A 286 -3.87 8.97 -26.91
C PHE A 286 -2.62 9.46 -27.66
N GLY A 287 -1.44 9.15 -27.11
CA GLY A 287 -0.16 9.57 -27.68
C GLY A 287 0.84 8.42 -27.84
N THR A 288 1.42 8.29 -29.05
CA THR A 288 2.31 7.17 -29.39
C THR A 288 3.82 7.39 -29.72
N MET A 289 4.64 6.34 -29.55
CA MET A 289 6.09 6.36 -29.80
C MET A 289 6.71 4.93 -30.06
N ALA A 290 6.23 4.27 -31.13
CA ALA A 290 6.58 2.89 -31.58
C ALA A 290 7.98 2.41 -31.99
N MET A 291 8.65 1.64 -31.12
CA MET A 291 10.03 1.16 -31.37
C MET A 291 10.51 -0.11 -30.62
N ALA A 292 11.58 0.06 -29.82
CA ALA A 292 12.23 -0.99 -29.01
C ALA A 292 13.04 -2.04 -29.80
N ARG A 293 13.17 -3.26 -29.28
CA ARG A 293 13.93 -4.33 -29.96
C ARG A 293 13.07 -5.50 -30.51
N GLU A 294 12.69 -5.48 -31.80
CA GLU A 294 11.80 -6.55 -32.35
C GLU A 294 12.23 -7.44 -33.55
N GLU A 295 11.23 -7.74 -34.40
CA GLU A 295 11.26 -8.56 -35.65
C GLU A 295 10.27 -9.73 -35.47
N PHE A 296 9.38 -9.60 -34.50
CA PHE A 296 8.35 -10.60 -34.26
C PHE A 296 6.99 -9.90 -34.43
N GLU A 297 6.73 -9.56 -35.70
CA GLU A 297 5.56 -8.80 -36.19
C GLU A 297 4.84 -9.42 -37.41
N ASN A 298 4.36 -8.54 -38.32
CA ASN A 298 3.65 -8.91 -39.56
C ASN A 298 2.34 -9.75 -39.44
N ASP A 299 1.49 -9.69 -40.48
CA ASP A 299 0.24 -10.49 -40.64
C ASP A 299 -1.17 -10.20 -40.04
N SER A 300 -2.02 -11.24 -39.94
CA SER A 300 -3.41 -11.20 -39.45
C SER A 300 -3.92 -12.54 -38.92
N GLY A 301 -4.57 -13.28 -39.82
CA GLY A 301 -5.12 -14.61 -39.60
C GLY A 301 -5.92 -15.04 -38.39
N SER A 302 -5.64 -14.48 -37.21
CA SER A 302 -6.36 -14.93 -36.02
C SER A 302 -6.82 -13.99 -34.91
N SER A 303 -5.86 -13.48 -34.14
CA SER A 303 -6.06 -12.63 -32.94
C SER A 303 -6.79 -11.26 -32.95
N GLN A 304 -7.03 -10.72 -31.74
CA GLN A 304 -7.59 -9.38 -31.46
C GLN A 304 -9.06 -8.89 -31.36
N VAL A 305 -9.27 -7.97 -30.40
CA VAL A 305 -10.55 -7.24 -30.13
C VAL A 305 -10.24 -5.83 -29.52
N PHE A 306 -9.21 -5.76 -28.67
CA PHE A 306 -8.68 -4.50 -28.03
C PHE A 306 -9.21 -3.83 -26.71
N TRP A 307 -9.09 -4.45 -25.53
CA TRP A 307 -9.51 -3.80 -24.26
C TRP A 307 -8.81 -4.25 -22.94
N LEU A 308 -9.30 -3.69 -21.82
CA LEU A 308 -8.86 -3.92 -20.42
C LEU A 308 -7.39 -3.87 -20.02
N LEU A 309 -6.98 -2.70 -19.52
CA LEU A 309 -5.60 -2.40 -19.05
C LEU A 309 -5.13 -3.23 -17.84
N LYS A 310 -3.85 -3.62 -17.87
CA LYS A 310 -3.23 -4.40 -16.80
C LYS A 310 -2.25 -3.52 -16.07
N GLU A 311 -2.25 -3.65 -14.75
CA GLU A 311 -1.36 -2.84 -13.95
C GLU A 311 -0.38 -3.62 -13.06
N SER A 312 0.91 -3.56 -13.40
CA SER A 312 1.97 -4.22 -12.63
C SER A 312 2.40 -3.24 -11.52
N GLU A 313 2.25 -3.67 -10.27
CA GLU A 313 2.59 -2.85 -9.11
C GLU A 313 4.01 -3.05 -8.56
N LEU A 314 4.82 -1.99 -8.57
CA LEU A 314 6.19 -2.08 -8.10
C LEU A 314 6.68 -0.90 -7.25
N THR A 315 7.90 -1.03 -6.74
CA THR A 315 8.55 0.01 -5.95
C THR A 315 9.36 0.72 -7.03
N PRO A 316 9.63 2.04 -6.89
CA PRO A 316 10.42 2.58 -8.00
C PRO A 316 11.73 1.82 -8.15
N SER A 317 11.71 0.95 -9.16
CA SER A 317 12.82 0.07 -9.50
C SER A 317 12.58 -0.21 -10.98
N ASN A 318 12.43 0.86 -11.77
CA ASN A 318 12.18 0.76 -13.22
C ASN A 318 12.88 1.92 -13.96
N SER A 319 13.26 1.72 -15.23
CA SER A 319 13.98 2.75 -16.02
C SER A 319 13.43 3.46 -17.30
N ASN A 320 14.15 3.30 -18.43
CA ASN A 320 13.92 4.02 -19.71
C ASN A 320 13.39 3.48 -21.08
N ILE A 321 12.80 4.42 -21.85
CA ILE A 321 12.19 4.34 -23.21
C ILE A 321 10.63 4.29 -23.25
N LEU A 322 9.97 3.12 -23.22
CA LEU A 322 8.47 3.05 -23.24
C LEU A 322 7.74 1.80 -22.66
N ASP A 323 6.52 2.03 -22.13
CA ASP A 323 5.49 1.11 -21.52
C ASP A 323 5.66 -0.12 -20.58
N GLY A 324 4.51 -0.60 -20.04
CA GLY A 324 4.50 -1.72 -19.09
C GLY A 324 5.04 -1.27 -17.74
N ARG A 325 4.25 -1.38 -16.65
CA ARG A 325 4.67 -1.06 -15.27
C ARG A 325 4.41 0.29 -14.57
N TYR A 326 4.05 0.21 -13.27
CA TYR A 326 3.76 1.39 -12.39
C TYR A 326 4.36 1.30 -11.00
N ALA A 327 4.61 2.45 -10.38
CA ALA A 327 5.13 2.48 -9.01
C ALA A 327 3.96 2.98 -8.14
N VAL A 328 3.84 2.46 -6.94
CA VAL A 328 2.75 2.87 -6.04
C VAL A 328 3.27 4.03 -5.13
N PHE A 329 2.52 5.14 -5.06
CA PHE A 329 2.95 6.30 -4.30
C PHE A 329 1.92 6.92 -3.36
N GLY A 330 0.64 6.68 -3.60
CA GLY A 330 -0.41 7.22 -2.76
C GLY A 330 -1.27 6.13 -2.14
N TYR A 331 -1.94 6.44 -1.03
CA TYR A 331 -2.79 5.48 -0.33
C TYR A 331 -4.01 6.24 0.20
N VAL A 332 -5.21 5.83 -0.17
CA VAL A 332 -6.40 6.53 0.31
C VAL A 332 -6.77 6.05 1.70
N THR A 333 -6.68 6.93 2.70
CA THR A 333 -6.95 6.53 4.07
C THR A 333 -8.26 6.96 4.69
N ASP A 334 -9.15 7.57 3.92
CA ASP A 334 -10.43 7.99 4.48
C ASP A 334 -11.52 8.19 3.45
N ASN A 335 -12.68 7.58 3.72
CA ASN A 335 -13.84 7.61 2.84
C ASN A 335 -13.52 6.70 1.65
N GLU A 336 -12.61 5.74 1.88
CA GLU A 336 -12.17 4.77 0.87
C GLU A 336 -13.34 3.94 0.35
N ASP A 337 -14.47 3.96 1.05
CA ASP A 337 -15.66 3.22 0.63
C ASP A 337 -16.53 3.97 -0.38
N PHE A 338 -16.38 5.29 -0.45
CA PHE A 338 -17.15 6.10 -1.39
C PHE A 338 -16.52 6.22 -2.78
N LEU A 339 -15.40 5.55 -3.00
CA LEU A 339 -14.76 5.62 -4.28
C LEU A 339 -15.58 4.90 -5.29
N ALA A 340 -16.24 3.85 -4.82
CA ALA A 340 -17.10 3.06 -5.68
C ALA A 340 -18.21 3.89 -6.29
N ASP A 341 -18.48 5.07 -5.73
CA ASP A 341 -19.51 5.92 -6.27
C ASP A 341 -19.00 6.90 -7.33
N LEU A 342 -17.74 6.77 -7.72
CA LEU A 342 -17.20 7.67 -8.72
C LEU A 342 -17.48 7.17 -10.14
N LYS A 343 -18.09 8.04 -10.94
CA LYS A 343 -18.41 7.73 -12.33
C LYS A 343 -17.80 8.75 -13.27
N VAL A 344 -17.75 8.40 -14.56
CA VAL A 344 -17.26 9.28 -15.59
C VAL A 344 -18.18 10.48 -15.47
N GLY A 345 -17.65 11.69 -15.62
CA GLY A 345 -18.53 12.85 -15.53
C GLY A 345 -18.43 13.58 -14.20
N ASP A 346 -18.05 12.85 -13.15
CA ASP A 346 -17.89 13.44 -11.85
C ASP A 346 -16.65 14.35 -11.89
N VAL A 347 -16.65 15.37 -11.02
CA VAL A 347 -15.62 16.40 -11.00
C VAL A 347 -14.66 16.45 -9.79
N ILE A 348 -13.36 16.59 -10.03
CA ILE A 348 -12.43 16.74 -8.89
C ILE A 348 -12.58 18.25 -8.66
N GLU A 349 -13.29 18.68 -7.63
CA GLU A 349 -13.41 20.10 -7.41
C GLU A 349 -12.08 20.71 -7.03
N SER A 350 -11.38 20.03 -6.11
CA SER A 350 -10.11 20.51 -5.60
C SER A 350 -9.23 19.44 -4.93
N ILE A 351 -7.91 19.60 -5.01
CA ILE A 351 -7.00 18.69 -4.29
C ILE A 351 -6.02 19.65 -3.58
N GLN A 352 -6.11 19.70 -2.25
CA GLN A 352 -5.29 20.58 -1.39
C GLN A 352 -4.39 19.83 -0.40
N VAL A 353 -3.10 20.19 -0.41
CA VAL A 353 -2.16 19.59 0.54
C VAL A 353 -2.66 19.94 1.94
N VAL A 354 -2.56 18.99 2.87
CA VAL A 354 -3.05 19.19 4.21
C VAL A 354 -1.90 19.13 5.22
N SER A 355 -0.81 18.46 4.83
CA SER A 355 0.38 18.34 5.67
C SER A 355 1.54 17.76 4.88
N GLY A 356 2.77 17.95 5.38
CA GLY A 356 3.94 17.40 4.69
C GLY A 356 4.51 18.25 3.56
N LEU A 357 3.90 19.39 3.25
CA LEU A 357 4.43 20.22 2.16
C LEU A 357 5.94 20.55 2.30
N GLU A 358 6.48 20.58 3.53
CA GLU A 358 7.92 20.90 3.75
C GLU A 358 8.85 19.84 3.23
N ASN A 359 8.35 18.63 3.02
CA ASN A 359 9.19 17.56 2.55
C ASN A 359 9.41 17.67 1.06
N LEU A 360 8.71 18.60 0.42
CA LEU A 360 8.84 18.79 -1.02
C LEU A 360 10.07 19.63 -1.41
N ALA A 361 10.99 18.98 -2.11
CA ALA A 361 12.23 19.62 -2.58
C ALA A 361 12.17 19.90 -4.06
N ASN A 362 12.93 20.89 -4.50
CA ASN A 362 12.97 21.26 -5.92
C ASN A 362 11.58 21.53 -6.50
N PRO A 363 10.72 22.25 -5.77
CA PRO A 363 9.40 22.54 -6.31
C PRO A 363 9.56 23.45 -7.54
N SER A 364 8.64 23.34 -8.49
CA SER A 364 8.73 24.19 -9.68
C SER A 364 7.67 25.29 -9.68
N TYR A 365 6.43 24.89 -9.39
CA TYR A 365 5.27 25.78 -9.40
C TYR A 365 5.08 27.03 -8.55
#